data_7UFX
#
_entry.id   7UFX
#
_cell.length_a   74.809
_cell.length_b   129.493
_cell.length_c   137.118
_cell.angle_alpha   90.000
_cell.angle_beta   90.000
_cell.angle_gamma   90.000
#
_symmetry.space_group_name_H-M   'I 2 2 2'
#
loop_
_entity.id
_entity.type
_entity.pdbx_description
1 polymer "DNA (5'-D(A*AP*CP*CP*TP*GP*TP*GP*AP*CP*AP*AP*AP*TP*TP*GP*CP*CP*CP*TP*CP*A)-3')"
2 polymer "DNA (5'-D(A*TP*CP*TP*GP*AP*GP*GP*GP*CP*AP*AP*TP*TP*TP*GP*TP*CP*AP*CP*AP*G)-3')"
3 polymer 'Replication initiation protein'
4 polymer "DNA (5'-D(A*GP*AP*CP*GP*GP*CP*CP*CP*GP*G)-3')"
5 polymer "DNA (5'-D(A*GP*TP*CP*CP*GP*GP*GP*CP*CP*G)-3')"
6 non-polymer 'MAGNESIUM ION'
7 water water
#
loop_
_entity_poly.entity_id
_entity_poly.type
_entity_poly.pdbx_seq_one_letter_code
_entity_poly.pdbx_strand_id
1 'polydeoxyribonucleotide'
;(DA)(DA)(DC)(DC)(DT)(DG)(DT)(DG)(DA)(DC)(DA)(DA)(DA)(DT)(DT)(DG)(DC)(DC)(DC)(DT)
(DC)(DA)
;
A
2 'polydeoxyribonucleotide'
;(DA)(DT)(DC)(DT)(DG)(DA)(DG)(DG)(DG)(DC)(DA)(DA)(DT)(DT)(DT)(DG)(DT)(DC)(DA)(DC)
(DA)(DG)
;
B
3 'polypeptide(L)'
;MRGSHHHHHHGSMAETAVINHKKRKNSPRIVQSNDLTEAAYSLSRDQKRMLYLFVDQIRKSDGTLQEHDGICEIHVAKYA
EIFGLTSAEASKDIRQALKSFAGKEVVFYRPEEDAGDEKGYESFPWFIKPAHSPSRGLYSVHINPYLIPFFIGLQNRFTQ
FRLSETKEITNPYAMRLYESLCQYRKPDGSGIVSLKIDWIIERYQLPQSYQRMPDFRRRFLQVCVNEINSRTPMRLSYIE
KKKGRQTTHIVFSFRDITSMTTG
;
C
4 'polydeoxyribonucleotide' (DA)(DG)(DA)(DC)(DG)(DG)(DC)(DC)(DC)(DG)(DG) E
5 'polydeoxyribonucleotide' (DA)(DG)(DT)(DC)(DC)(DG)(DG)(DG)(DC)(DC)(DG) F
#
# COMPACT_ATOMS: atom_id res chain seq x y z
N SER C 27 17.64 -4.22 3.52
CA SER C 27 16.34 -4.84 3.75
C SER C 27 15.70 -5.27 2.42
N PRO C 28 14.67 -6.12 2.47
CA PRO C 28 14.11 -6.71 1.24
C PRO C 28 13.64 -5.65 0.27
N ARG C 29 13.98 -5.83 -1.01
CA ARG C 29 13.61 -4.89 -2.06
C ARG C 29 12.27 -5.29 -2.68
N ILE C 30 11.22 -4.53 -2.34
CA ILE C 30 9.89 -4.70 -2.92
C ILE C 30 9.93 -4.13 -4.33
N VAL C 31 9.40 -4.88 -5.30
CA VAL C 31 9.11 -4.37 -6.63
C VAL C 31 7.69 -4.82 -6.95
N GLN C 32 6.98 -4.00 -7.73
CA GLN C 32 5.61 -4.35 -8.07
C GLN C 32 5.22 -3.68 -9.39
N SER C 33 4.35 -4.35 -10.13
CA SER C 33 3.78 -3.76 -11.33
C SER C 33 3.05 -2.46 -11.01
N ASN C 34 3.20 -1.47 -11.88
CA ASN C 34 2.45 -0.23 -11.71
C ASN C 34 0.94 -0.49 -11.64
N ASP C 35 0.46 -1.59 -12.25
CA ASP C 35 -0.96 -1.89 -12.19
C ASP C 35 -1.43 -2.13 -10.77
N LEU C 36 -0.55 -2.63 -9.90
CA LEU C 36 -0.90 -2.78 -8.49
C LEU C 36 -0.81 -1.43 -7.78
N THR C 37 0.21 -0.64 -8.11
CA THR C 37 0.36 0.69 -7.52
C THR C 37 -0.88 1.52 -7.75
N GLU C 38 -1.52 1.34 -8.91
CA GLU C 38 -2.66 2.14 -9.34
C GLU C 38 -3.99 1.40 -9.20
N ALA C 39 -4.02 0.24 -8.55
CA ALA C 39 -5.28 -0.47 -8.41
C ALA C 39 -6.18 0.20 -7.38
N ALA C 40 -7.48 -0.09 -7.49
CA ALA C 40 -8.47 0.36 -6.52
C ALA C 40 -8.76 -0.75 -5.52
N TYR C 41 -8.50 -0.48 -4.24
CA TYR C 41 -8.76 -1.45 -3.18
C TYR C 41 -8.70 -0.72 -1.84
N SER C 42 -9.18 -1.41 -0.80
CA SER C 42 -9.18 -0.89 0.57
C SER C 42 -8.55 -1.94 1.49
N LEU C 43 -7.31 -1.69 1.92
CA LEU C 43 -6.63 -2.59 2.84
C LEU C 43 -6.13 -1.81 4.06
N SER C 44 -6.09 -2.49 5.20
CA SER C 44 -5.53 -1.91 6.43
C SER C 44 -3.99 -1.91 6.38
N ARG C 45 -3.40 -1.22 7.37
CA ARG C 45 -1.94 -1.22 7.50
C ARG C 45 -1.41 -2.64 7.67
N ASP C 46 -1.96 -3.41 8.61
CA ASP C 46 -1.47 -4.76 8.87
C ASP C 46 -1.57 -5.63 7.61
N GLN C 47 -2.67 -5.50 6.88
CA GLN C 47 -2.84 -6.26 5.65
C GLN C 47 -1.83 -5.86 4.60
N LYS C 48 -1.58 -4.56 4.44
CA LYS C 48 -0.58 -4.11 3.47
C LYS C 48 0.81 -4.61 3.84
N ARG C 49 1.12 -4.64 5.14
CA ARG C 49 2.40 -5.16 5.60
C ARG C 49 2.57 -6.62 5.19
N MET C 50 1.56 -7.45 5.50
CA MET C 50 1.57 -8.83 5.03
C MET C 50 1.69 -8.95 3.51
N LEU C 51 0.95 -8.10 2.77
CA LEU C 51 0.94 -8.17 1.32
C LEU C 51 2.33 -7.95 0.73
N TYR C 52 3.15 -7.11 1.38
CA TYR C 52 4.49 -6.89 0.84
C TYR C 52 5.30 -8.18 0.87
N LEU C 53 5.12 -8.97 1.93
CA LEU C 53 5.89 -10.21 2.06
C LEU C 53 5.37 -11.26 1.08
N PHE C 54 4.06 -11.30 0.86
CA PHE C 54 3.51 -12.20 -0.14
C PHE C 54 4.12 -11.92 -1.52
N VAL C 55 4.11 -10.65 -1.93
CA VAL C 55 4.69 -10.24 -3.20
C VAL C 55 6.16 -10.64 -3.29
N ASP C 56 6.89 -10.51 -2.17
CA ASP C 56 8.30 -10.91 -2.15
C ASP C 56 8.46 -12.41 -2.34
N GLN C 57 7.63 -13.21 -1.66
CA GLN C 57 7.75 -14.66 -1.77
C GLN C 57 7.48 -15.09 -3.21
N ILE C 58 6.33 -14.67 -3.73
CA ILE C 58 5.95 -14.97 -5.11
C ILE C 58 7.06 -14.63 -6.09
N ARG C 59 7.63 -13.43 -5.97
CA ARG C 59 8.59 -12.93 -6.95
C ARG C 59 9.86 -13.78 -7.00
N LYS C 60 10.26 -14.41 -5.89
CA LYS C 60 11.46 -15.24 -5.84
C LYS C 60 11.12 -16.65 -6.34
N SER C 61 11.02 -16.75 -7.66
CA SER C 61 10.74 -18.00 -8.35
C SER C 61 11.13 -17.87 -9.83
N HIS C 68 5.10 -21.60 -10.64
CA HIS C 68 4.68 -21.49 -9.25
C HIS C 68 3.15 -21.56 -9.15
N ASP C 69 2.66 -21.68 -7.91
CA ASP C 69 1.27 -22.01 -7.63
C ASP C 69 0.53 -21.00 -6.76
N GLY C 70 1.22 -20.10 -6.06
CA GLY C 70 0.54 -19.08 -5.29
C GLY C 70 0.33 -19.31 -3.80
N ILE C 71 0.82 -20.41 -3.24
CA ILE C 71 0.64 -20.71 -1.83
C ILE C 71 1.78 -20.08 -1.05
N CYS C 72 1.45 -19.16 -0.14
CA CYS C 72 2.45 -18.47 0.67
C CYS C 72 2.28 -18.80 2.15
N GLU C 73 3.22 -18.31 2.96
CA GLU C 73 3.32 -18.62 4.38
C GLU C 73 3.88 -17.45 5.15
N ILE C 74 3.43 -17.30 6.40
CA ILE C 74 3.90 -16.26 7.30
C ILE C 74 4.21 -16.86 8.66
N HIS C 75 5.41 -16.55 9.18
CA HIS C 75 5.84 -16.96 10.52
C HIS C 75 5.66 -15.80 11.48
N VAL C 76 4.99 -16.07 12.60
CA VAL C 76 4.75 -15.05 13.63
C VAL C 76 6.05 -14.38 14.09
N ALA C 77 7.04 -15.18 14.51
CA ALA C 77 8.23 -14.60 15.13
C ALA C 77 9.07 -13.77 14.16
N LYS C 78 9.12 -14.14 12.88
CA LYS C 78 9.85 -13.31 11.92
C LYS C 78 9.12 -12.00 11.68
N TYR C 79 7.80 -12.08 11.52
CA TYR C 79 6.99 -10.86 11.38
C TYR C 79 7.25 -9.94 12.56
N ALA C 80 7.27 -10.51 13.77
CA ALA C 80 7.51 -9.70 14.96
C ALA C 80 8.85 -8.99 14.90
N GLU C 81 9.90 -9.71 14.48
CA GLU C 81 11.22 -9.07 14.44
C GLU C 81 11.30 -8.00 13.35
N ILE C 82 10.65 -8.24 12.20
CA ILE C 82 10.71 -7.29 11.09
C ILE C 82 10.13 -5.93 11.48
N PHE C 83 8.96 -5.94 12.12
CA PHE C 83 8.23 -4.72 12.41
C PHE C 83 8.34 -4.28 13.88
N GLY C 84 9.32 -4.82 14.61
CA GLY C 84 9.54 -4.49 16.01
C GLY C 84 8.32 -4.63 16.89
N LEU C 85 7.64 -5.76 16.79
CA LEU C 85 6.50 -6.08 17.63
C LEU C 85 6.87 -7.21 18.58
N THR C 86 6.07 -7.34 19.64
CA THR C 86 6.16 -8.53 20.46
C THR C 86 5.50 -9.69 19.70
N SER C 87 5.79 -10.91 20.17
CA SER C 87 5.16 -12.08 19.56
C SER C 87 3.64 -12.05 19.70
N ALA C 88 3.14 -11.66 20.88
CA ALA C 88 1.70 -11.58 21.12
C ALA C 88 1.02 -10.61 20.16
N GLU C 89 1.50 -9.37 20.07
CA GLU C 89 0.82 -8.39 19.23
C GLU C 89 0.98 -8.73 17.76
N ALA C 90 2.11 -9.33 17.38
CA ALA C 90 2.22 -9.90 16.04
C ALA C 90 1.09 -10.89 15.77
N SER C 91 0.93 -11.88 16.64
CA SER C 91 -0.16 -12.85 16.51
C SER C 91 -1.52 -12.18 16.35
N LYS C 92 -1.82 -11.18 17.18
CA LYS C 92 -3.08 -10.47 17.06
C LYS C 92 -3.23 -9.80 15.70
N ASP C 93 -2.16 -9.18 15.20
CA ASP C 93 -2.25 -8.45 13.94
C ASP C 93 -2.49 -9.41 12.79
N ILE C 94 -1.68 -10.48 12.71
CA ILE C 94 -1.87 -11.48 11.67
C ILE C 94 -3.28 -12.05 11.70
N ARG C 95 -3.72 -12.52 12.88
CA ARG C 95 -5.03 -13.19 12.93
C ARG C 95 -6.14 -12.26 12.44
N GLN C 96 -6.16 -11.02 12.91
CA GLN C 96 -7.32 -10.21 12.50
C GLN C 96 -7.21 -9.72 11.06
N ALA C 97 -6.03 -9.30 10.58
CA ALA C 97 -5.88 -9.04 9.15
C ALA C 97 -6.42 -10.20 8.32
N LEU C 98 -6.03 -11.41 8.71
CA LEU C 98 -6.34 -12.59 7.92
C LEU C 98 -7.84 -12.80 7.86
N LYS C 99 -8.52 -12.65 9.00
CA LYS C 99 -9.97 -12.81 8.94
C LYS C 99 -10.64 -11.61 8.28
N SER C 100 -9.95 -10.48 8.14
CA SER C 100 -10.51 -9.33 7.45
C SER C 100 -10.30 -9.35 5.94
N PHE C 101 -9.59 -10.34 5.39
CA PHE C 101 -9.49 -10.40 3.92
C PHE C 101 -10.78 -10.89 3.24
N ALA C 102 -11.60 -11.68 3.93
CA ALA C 102 -12.79 -12.28 3.31
C ALA C 102 -13.70 -11.25 2.66
N GLY C 103 -14.08 -11.51 1.40
CA GLY C 103 -14.91 -10.60 0.64
C GLY C 103 -14.21 -9.42 0.00
N LYS C 104 -12.95 -9.16 0.34
CA LYS C 104 -12.21 -8.07 -0.27
C LYS C 104 -11.91 -8.35 -1.74
N GLU C 105 -11.91 -7.28 -2.54
CA GLU C 105 -11.75 -7.36 -3.98
C GLU C 105 -10.76 -6.30 -4.45
N VAL C 106 -10.19 -6.54 -5.62
CA VAL C 106 -9.14 -5.72 -6.19
C VAL C 106 -9.63 -5.38 -7.59
N VAL C 107 -9.48 -4.13 -7.99
CA VAL C 107 -9.98 -3.69 -9.29
C VAL C 107 -8.80 -3.12 -10.07
N PHE C 108 -8.57 -3.66 -11.27
CA PHE C 108 -7.58 -3.12 -12.20
C PHE C 108 -8.31 -2.48 -13.37
N TYR C 109 -8.04 -1.20 -13.58
CA TYR C 109 -8.82 -0.43 -14.55
C TYR C 109 -8.20 -0.51 -15.94
N TYR C 121 -11.02 -2.36 -16.11
CA TYR C 121 -12.04 -2.47 -15.07
C TYR C 121 -12.32 -3.95 -14.84
N GLU C 122 -11.50 -4.59 -14.03
CA GLU C 122 -11.65 -6.02 -13.81
C GLU C 122 -11.39 -6.28 -12.33
N SER C 123 -12.34 -6.93 -11.66
CA SER C 123 -12.28 -7.17 -10.21
C SER C 123 -12.04 -8.64 -9.90
N PHE C 124 -11.19 -8.88 -8.90
CA PHE C 124 -10.77 -10.20 -8.43
C PHE C 124 -10.77 -10.25 -6.91
N PRO C 125 -11.04 -11.40 -6.31
CA PRO C 125 -10.79 -11.57 -4.88
C PRO C 125 -9.33 -11.90 -4.60
N TRP C 126 -8.84 -11.40 -3.47
CA TRP C 126 -7.46 -11.67 -3.08
C TRP C 126 -7.27 -13.16 -2.77
N PHE C 127 -8.14 -13.72 -1.92
CA PHE C 127 -8.04 -15.10 -1.47
C PHE C 127 -9.13 -15.96 -2.07
N ILE C 128 -8.80 -17.22 -2.38
CA ILE C 128 -9.75 -18.19 -2.90
C ILE C 128 -9.97 -19.36 -1.94
N LYS C 129 -9.38 -19.29 -0.74
CA LYS C 129 -9.56 -20.26 0.34
C LYS C 129 -9.27 -19.58 1.65
N PRO C 130 -9.96 -19.96 2.73
CA PRO C 130 -9.65 -19.37 4.04
C PRO C 130 -8.21 -19.67 4.45
N ALA C 131 -7.66 -18.78 5.26
CA ALA C 131 -6.37 -19.06 5.87
C ALA C 131 -6.49 -20.20 6.87
N HIS C 132 -5.36 -20.81 7.16
CA HIS C 132 -5.23 -21.90 8.13
C HIS C 132 -3.80 -22.08 8.62
N SER C 133 -3.72 -22.66 9.82
CA SER C 133 -2.46 -22.86 10.54
C SER C 133 -2.09 -24.33 10.66
N PRO C 134 -1.13 -24.83 9.89
CA PRO C 134 -0.67 -26.22 10.12
C PRO C 134 0.11 -26.37 11.42
N SER C 135 0.97 -25.42 11.75
CA SER C 135 1.80 -25.49 12.94
C SER C 135 1.58 -24.25 13.79
N ARG C 136 1.84 -24.38 15.08
CA ARG C 136 1.73 -23.25 15.99
C ARG C 136 2.74 -22.18 15.59
N GLY C 137 2.27 -20.96 15.38
CA GLY C 137 3.14 -19.88 14.95
C GLY C 137 3.34 -19.76 13.46
N LEU C 138 2.51 -20.41 12.66
CA LEU C 138 2.70 -20.54 11.22
C LEU C 138 1.35 -20.40 10.57
N TYR C 139 1.26 -19.59 9.52
CA TYR C 139 0.01 -19.47 8.80
C TYR C 139 0.28 -19.74 7.32
N SER C 140 -0.67 -20.43 6.68
CA SER C 140 -0.61 -20.77 5.26
C SER C 140 -1.77 -20.12 4.53
N VAL C 141 -1.46 -19.48 3.40
CA VAL C 141 -2.42 -18.68 2.67
C VAL C 141 -2.41 -19.05 1.19
N HIS C 142 -3.57 -18.91 0.55
CA HIS C 142 -3.81 -19.27 -0.86
C HIS C 142 -4.20 -18.02 -1.64
N ILE C 143 -3.21 -17.34 -2.22
CA ILE C 143 -3.48 -16.18 -3.07
C ILE C 143 -4.09 -16.62 -4.40
N ASN C 144 -5.08 -15.85 -4.88
CA ASN C 144 -5.68 -16.05 -6.20
C ASN C 144 -4.55 -16.13 -7.22
N PRO C 145 -4.27 -17.31 -7.77
CA PRO C 145 -3.19 -17.42 -8.76
C PRO C 145 -3.37 -16.55 -9.98
N TYR C 146 -4.61 -16.15 -10.28
CA TYR C 146 -4.87 -15.23 -11.38
C TYR C 146 -4.33 -13.84 -11.11
N LEU C 147 -3.91 -13.56 -9.88
CA LEU C 147 -3.28 -12.30 -9.53
C LEU C 147 -1.79 -12.27 -9.85
N ILE C 148 -1.14 -13.44 -10.01
CA ILE C 148 0.31 -13.47 -10.21
C ILE C 148 0.79 -12.48 -11.28
N PRO C 149 0.25 -12.49 -12.51
CA PRO C 149 0.80 -11.58 -13.55
C PRO C 149 0.62 -10.12 -13.22
N PHE C 150 -0.35 -9.75 -12.40
CA PHE C 150 -0.51 -8.36 -12.00
C PHE C 150 0.59 -7.93 -11.04
N PHE C 151 1.20 -8.87 -10.32
CA PHE C 151 2.30 -8.56 -9.41
C PHE C 151 3.61 -8.38 -10.16
N ILE C 152 3.86 -9.17 -11.21
CA ILE C 152 5.14 -9.12 -11.89
C ILE C 152 4.94 -8.63 -13.32
N ARG C 157 8.01 -0.56 -16.55
CA ARG C 157 6.67 -0.21 -16.09
C ARG C 157 6.41 -0.77 -14.70
N PHE C 158 7.25 -0.42 -13.73
CA PHE C 158 7.21 -1.04 -12.44
C PHE C 158 7.63 -0.03 -11.39
N THR C 159 7.31 -0.35 -10.14
CA THR C 159 7.57 0.49 -8.97
C THR C 159 8.45 -0.28 -8.00
N GLN C 160 9.40 0.40 -7.35
CA GLN C 160 10.28 -0.35 -6.44
C GLN C 160 10.76 0.50 -5.27
N PHE C 161 10.90 -0.15 -4.12
CA PHE C 161 11.31 0.50 -2.88
C PHE C 161 11.78 -0.55 -1.88
N ARG C 162 12.70 -0.16 -1.00
CA ARG C 162 13.11 -1.06 0.08
C ARG C 162 12.10 -1.01 1.23
N LEU C 163 11.94 -2.15 1.90
CA LEU C 163 10.86 -2.30 2.88
C LEU C 163 11.05 -1.42 4.11
N SER C 164 12.30 -1.12 4.48
CA SER C 164 12.56 -0.21 5.59
C SER C 164 12.02 1.20 5.34
N GLU C 165 11.80 1.56 4.07
CA GLU C 165 11.24 2.88 3.75
C GLU C 165 9.81 3.03 4.23
N THR C 166 9.02 1.96 4.29
CA THR C 166 7.60 2.06 4.58
C THR C 166 7.17 1.46 5.90
N LYS C 167 8.06 0.78 6.60
CA LYS C 167 7.63 -0.04 7.73
C LYS C 167 7.32 0.75 8.99
N GLU C 168 7.64 2.05 9.03
CA GLU C 168 7.20 2.86 10.16
C GLU C 168 5.94 3.67 9.87
N ILE C 169 5.47 3.70 8.61
CA ILE C 169 4.24 4.42 8.30
C ILE C 169 3.07 3.74 9.01
N THR C 170 2.17 4.55 9.57
CA THR C 170 1.02 4.00 10.27
C THR C 170 -0.27 4.06 9.46
N ASN C 171 -0.57 5.20 8.85
CA ASN C 171 -1.82 5.40 8.10
C ASN C 171 -1.72 4.72 6.73
N PRO C 172 -2.65 3.84 6.37
CA PRO C 172 -2.54 3.11 5.09
C PRO C 172 -2.62 4.00 3.85
N TYR C 173 -3.39 5.09 3.91
CA TYR C 173 -3.43 6.03 2.79
C TYR C 173 -2.07 6.66 2.53
N ALA C 174 -1.26 6.83 3.58
CA ALA C 174 0.07 7.36 3.37
C ALA C 174 0.98 6.33 2.71
N MET C 175 0.78 5.05 3.02
CA MET C 175 1.44 3.99 2.27
C MET C 175 1.07 4.04 0.79
N ARG C 176 -0.23 4.19 0.48
N ARG C 176 -0.23 4.20 0.49
CA ARG C 176 -0.68 4.31 -0.91
CA ARG C 176 -0.67 4.31 -0.90
C ARG C 176 0.02 5.48 -1.60
C ARG C 176 0.01 5.48 -1.60
N LEU C 177 0.04 6.64 -0.94
CA LEU C 177 0.65 7.82 -1.53
C LEU C 177 2.15 7.64 -1.74
N TYR C 178 2.84 7.05 -0.77
CA TYR C 178 4.28 6.87 -0.92
C TYR C 178 4.59 5.88 -2.04
N GLU C 179 3.70 4.92 -2.27
CA GLU C 179 3.91 3.99 -3.38
C GLU C 179 3.72 4.71 -4.71
N SER C 180 2.65 5.48 -4.83
N SER C 180 2.65 5.48 -4.83
CA SER C 180 2.40 6.21 -6.07
CA SER C 180 2.40 6.21 -6.07
C SER C 180 3.52 7.20 -6.37
C SER C 180 3.51 7.20 -6.38
N LEU C 181 4.10 7.81 -5.34
CA LEU C 181 5.23 8.70 -5.58
C LEU C 181 6.47 7.94 -6.01
N CYS C 182 6.72 6.77 -5.39
CA CYS C 182 7.86 5.95 -5.79
C CYS C 182 7.78 5.60 -7.26
N GLN C 183 6.56 5.35 -7.76
CA GLN C 183 6.36 5.02 -9.17
C GLN C 183 6.99 6.04 -10.13
N TYR C 184 7.20 7.28 -9.69
CA TYR C 184 7.77 8.33 -10.53
C TYR C 184 9.18 8.74 -10.10
N ARG C 185 9.79 8.04 -9.15
CA ARG C 185 11.07 8.45 -8.61
C ARG C 185 12.20 8.23 -9.63
N LYS C 186 13.23 9.10 -9.56
CA LYS C 186 14.43 9.01 -10.38
C LYS C 186 15.53 8.27 -9.63
N PRO C 187 16.55 7.72 -10.35
CA PRO C 187 17.68 7.03 -9.68
C PRO C 187 18.22 7.81 -8.49
N ASP C 188 18.45 9.10 -8.73
CA ASP C 188 19.02 9.99 -7.74
C ASP C 188 18.07 10.24 -6.57
N GLY C 189 16.77 10.20 -6.79
CA GLY C 189 15.89 10.14 -5.63
C GLY C 189 14.81 11.20 -5.58
N SER C 190 14.68 11.94 -6.67
CA SER C 190 13.75 13.04 -6.77
C SER C 190 12.65 12.72 -7.78
N GLY C 191 11.61 13.52 -7.73
CA GLY C 191 10.57 13.43 -8.74
C GLY C 191 9.54 14.50 -8.55
N ILE C 192 8.64 14.58 -9.53
CA ILE C 192 7.54 15.53 -9.55
C ILE C 192 6.41 14.92 -10.36
N VAL C 193 5.19 14.99 -9.82
CA VAL C 193 4.05 14.36 -10.48
C VAL C 193 2.77 15.08 -10.07
N SER C 194 1.81 15.14 -11.00
CA SER C 194 0.50 15.75 -10.75
C SER C 194 -0.57 14.66 -10.73
N LEU C 195 -1.21 14.47 -9.57
CA LEU C 195 -2.27 13.47 -9.42
C LEU C 195 -3.63 14.14 -9.34
N LYS C 196 -4.58 13.58 -10.07
CA LYS C 196 -5.94 14.11 -10.08
C LYS C 196 -6.72 13.64 -8.83
N ILE C 197 -7.51 14.55 -8.25
CA ILE C 197 -8.16 14.27 -6.96
C ILE C 197 -9.21 13.17 -7.09
N ASP C 198 -10.04 13.23 -8.14
CA ASP C 198 -11.04 12.18 -8.32
C ASP C 198 -10.37 10.82 -8.47
N TRP C 199 -9.24 10.77 -9.17
CA TRP C 199 -8.52 9.51 -9.34
C TRP C 199 -7.91 9.04 -8.02
N ILE C 200 -7.42 9.97 -7.19
CA ILE C 200 -6.99 9.60 -5.84
C ILE C 200 -8.13 9.00 -5.04
N ILE C 201 -9.32 9.61 -5.12
CA ILE C 201 -10.46 9.14 -4.31
C ILE C 201 -10.90 7.77 -4.78
N GLU C 202 -10.97 7.57 -6.10
N GLU C 202 -10.97 7.55 -6.09
CA GLU C 202 -11.43 6.29 -6.64
CA GLU C 202 -11.47 6.26 -6.57
C GLU C 202 -10.41 5.19 -6.41
C GLU C 202 -10.41 5.16 -6.52
N ARG C 203 -9.11 5.50 -6.52
CA ARG C 203 -8.09 4.48 -6.43
C ARG C 203 -7.79 4.09 -4.98
N TYR C 204 -7.67 5.06 -4.08
CA TYR C 204 -7.36 4.74 -2.69
C TYR C 204 -8.62 4.47 -1.88
N GLN C 205 -9.79 4.59 -2.51
N GLN C 205 -9.81 4.60 -2.49
CA GLN C 205 -11.09 4.36 -1.88
CA GLN C 205 -11.07 4.30 -1.81
C GLN C 205 -11.22 5.13 -0.57
C GLN C 205 -11.23 5.14 -0.54
N LEU C 206 -10.95 6.43 -0.67
CA LEU C 206 -11.10 7.33 0.47
C LEU C 206 -12.56 7.39 0.89
N PRO C 207 -12.84 7.63 2.18
CA PRO C 207 -14.23 7.65 2.64
C PRO C 207 -14.97 8.89 2.18
N GLN C 208 -16.30 8.78 2.24
CA GLN C 208 -17.18 9.68 1.49
C GLN C 208 -17.06 11.13 1.92
N SER C 209 -16.86 11.38 3.22
CA SER C 209 -16.78 12.76 3.71
C SER C 209 -15.57 13.51 3.18
N TYR C 210 -14.61 12.82 2.58
CA TYR C 210 -13.47 13.49 1.98
C TYR C 210 -13.76 13.97 0.56
N GLN C 211 -15.00 13.79 0.08
CA GLN C 211 -15.44 14.53 -1.10
C GLN C 211 -15.67 16.00 -0.84
N ARG C 212 -15.73 16.43 0.41
CA ARG C 212 -15.67 17.84 0.78
C ARG C 212 -14.22 18.28 0.98
N MET C 213 -13.77 19.22 0.14
CA MET C 213 -12.35 19.55 0.09
C MET C 213 -11.71 19.94 1.43
N PRO C 214 -12.33 20.73 2.31
CA PRO C 214 -11.65 21.03 3.59
C PRO C 214 -11.40 19.80 4.45
N ASP C 215 -12.29 18.80 4.41
CA ASP C 215 -12.01 17.56 5.14
C ASP C 215 -10.92 16.76 4.45
N PHE C 216 -10.91 16.76 3.12
CA PHE C 216 -9.83 16.13 2.37
C PHE C 216 -8.48 16.69 2.81
N ARG C 217 -8.37 18.02 2.84
CA ARG C 217 -7.16 18.68 3.31
C ARG C 217 -6.82 18.27 4.74
N ARG C 218 -7.80 18.36 5.65
CA ARG C 218 -7.45 18.31 7.06
C ARG C 218 -7.12 16.89 7.52
N ARG C 219 -7.88 15.90 7.06
CA ARG C 219 -7.75 14.55 7.61
C ARG C 219 -6.97 13.58 6.73
N PHE C 220 -6.69 13.92 5.47
CA PHE C 220 -5.92 13.02 4.60
C PHE C 220 -4.62 13.65 4.10
N LEU C 221 -4.68 14.74 3.34
CA LEU C 221 -3.49 15.27 2.68
C LEU C 221 -2.43 15.71 3.68
N GLN C 222 -2.80 16.62 4.58
CA GLN C 222 -1.82 17.16 5.53
C GLN C 222 -1.25 16.05 6.41
N VAL C 223 -2.10 15.11 6.86
CA VAL C 223 -1.59 14.09 7.78
C VAL C 223 -0.59 13.19 7.09
N CYS C 224 -0.87 12.79 5.84
CA CYS C 224 -0.01 11.84 5.15
C CYS C 224 1.28 12.47 4.63
N VAL C 225 1.22 13.75 4.24
CA VAL C 225 2.44 14.46 3.88
C VAL C 225 3.33 14.62 5.10
N ASN C 226 2.73 14.98 6.24
CA ASN C 226 3.52 15.12 7.47
C ASN C 226 4.04 13.77 7.97
N GLU C 227 3.32 12.68 7.67
CA GLU C 227 3.83 11.36 8.04
C GLU C 227 5.03 10.99 7.19
N ILE C 228 4.90 11.11 5.86
CA ILE C 228 6.01 10.79 4.96
C ILE C 228 7.26 11.57 5.35
N ASN C 229 7.11 12.88 5.59
CA ASN C 229 8.26 13.69 6.00
C ASN C 229 8.88 13.29 7.33
N SER C 230 8.13 12.62 8.21
CA SER C 230 8.64 12.27 9.52
C SER C 230 9.10 10.82 9.64
N ARG C 231 8.69 9.94 8.73
CA ARG C 231 8.87 8.51 8.93
C ARG C 231 9.59 7.82 7.78
N THR C 232 9.86 8.52 6.68
CA THR C 232 10.58 7.95 5.55
C THR C 232 11.82 8.80 5.28
N PRO C 233 12.76 8.33 4.42
CA PRO C 233 13.89 9.19 4.03
C PRO C 233 13.54 10.18 2.94
N MET C 234 12.26 10.45 2.72
CA MET C 234 11.81 11.32 1.66
C MET C 234 11.45 12.70 2.21
N ARG C 235 11.55 13.72 1.36
CA ARG C 235 11.23 15.09 1.77
C ARG C 235 10.24 15.66 0.77
N LEU C 236 9.02 15.95 1.21
CA LEU C 236 7.88 16.13 0.32
C LEU C 236 7.26 17.51 0.48
N SER C 237 6.92 18.13 -0.66
CA SER C 237 6.16 19.37 -0.69
C SER C 237 5.08 19.25 -1.75
N TYR C 238 4.14 20.19 -1.77
CA TYR C 238 3.07 20.13 -2.74
C TYR C 238 2.46 21.51 -2.94
N ILE C 239 1.66 21.63 -4.00
CA ILE C 239 0.90 22.82 -4.33
C ILE C 239 -0.37 22.38 -5.03
N GLU C 240 -1.41 23.20 -4.92
CA GLU C 240 -2.75 22.86 -5.43
C GLU C 240 -2.99 23.48 -6.80
N LYS C 241 -3.60 22.71 -7.70
CA LYS C 241 -3.97 23.21 -9.01
C LYS C 241 -5.47 23.44 -9.01
N LYS C 242 -5.90 24.61 -9.49
CA LYS C 242 -7.31 24.99 -9.46
C LYS C 242 -7.84 25.25 -10.86
N LYS C 243 -9.17 25.15 -10.96
CA LYS C 243 -9.97 25.48 -12.13
C LYS C 243 -11.25 26.12 -11.62
N GLY C 244 -11.36 27.43 -11.81
CA GLY C 244 -12.45 28.18 -11.21
C GLY C 244 -12.29 28.18 -9.71
N ARG C 245 -13.37 27.88 -9.00
CA ARG C 245 -13.31 27.75 -7.56
C ARG C 245 -12.88 26.36 -7.11
N GLN C 246 -12.94 25.35 -7.99
CA GLN C 246 -12.63 23.99 -7.59
C GLN C 246 -11.15 23.64 -7.72
N THR C 247 -10.66 22.88 -6.76
CA THR C 247 -9.31 22.33 -6.80
C THR C 247 -9.37 20.96 -7.48
N THR C 248 -8.57 20.78 -8.52
CA THR C 248 -8.69 19.59 -9.37
C THR C 248 -7.53 18.61 -9.24
N HIS C 249 -6.30 19.08 -9.09
CA HIS C 249 -5.14 18.21 -8.97
C HIS C 249 -4.27 18.64 -7.79
N ILE C 250 -3.39 17.74 -7.38
CA ILE C 250 -2.33 18.06 -6.43
C ILE C 250 -0.99 17.72 -7.08
N VAL C 251 -0.05 18.66 -7.01
CA VAL C 251 1.26 18.53 -7.64
C VAL C 251 2.29 18.28 -6.54
N PHE C 252 2.91 17.11 -6.57
CA PHE C 252 3.85 16.68 -5.55
C PHE C 252 5.26 16.81 -6.11
N SER C 253 6.16 17.43 -5.34
CA SER C 253 7.59 17.41 -5.61
C SER C 253 8.33 16.80 -4.42
N PHE C 254 9.40 16.04 -4.71
CA PHE C 254 10.16 15.43 -3.63
C PHE C 254 11.60 15.20 -4.04
N ARG C 255 12.46 15.11 -3.03
CA ARG C 255 13.87 14.77 -3.19
C ARG C 255 14.23 13.79 -2.08
N ASP C 256 15.44 13.24 -2.14
CA ASP C 256 15.91 12.28 -1.15
C ASP C 256 16.95 12.90 -0.23
N ILE C 257 16.92 12.52 1.04
CA ILE C 257 17.86 13.03 2.03
C ILE C 257 19.18 12.28 1.97
#